data_3AI9
#
_entry.id   3AI9
#
_cell.length_a   84.288
_cell.length_b   48.133
_cell.length_c   62.362
_cell.angle_alpha   90.00
_cell.angle_beta   126.09
_cell.angle_gamma   90.00
#
_symmetry.space_group_name_H-M   'C 1 2 1'
#
loop_
_entity.id
_entity.type
_entity.pdbx_description
1 polymer 'UPF0217 protein MJ1640'
2 non-polymer S-ADENOSYLMETHIONINE
3 non-polymer 'MAGNESIUM ION'
4 water water
#
_entity_poly.entity_id   1
_entity_poly.type   'polypeptide(L)'
_entity_poly.pdbx_seq_one_letter_code
;GSH(MSE)AS(MSE)REFIFKANKTITSSDINLKDLPGSCGRLDLLCRCVSDAFFLSHDIRRDVVFYAVLYGQPNPPVCI
KFVGSELKKVSPDERNIAIFIKKALKKFEELDEEQRKDWNQSTPGIYVRRLGFRNLVLEKLEEGKNIYYLH(MSE)NGED
VENVDIENPVFIIGDHIGIGEEDERFLDEIKAKRISLSPLELHANHC(MSE)T(MSE)(MSE)HNVLDKKRICEI
;
_entity_poly.pdbx_strand_id   X
#
loop_
_chem_comp.id
_chem_comp.type
_chem_comp.name
_chem_comp.formula
MG non-polymer 'MAGNESIUM ION' 'Mg 2'
SAM non-polymer S-ADENOSYLMETHIONINE 'C15 H22 N6 O5 S'
#
# COMPACT_ATOMS: atom_id res chain seq x y z
N GLY A 1 -28.26 7.52 -9.83
CA GLY A 1 -26.85 7.09 -9.60
C GLY A 1 -26.05 7.04 -10.89
N SER A 2 -24.73 6.98 -10.76
CA SER A 2 -23.84 6.81 -11.92
C SER A 2 -23.45 5.32 -12.18
N HIS A 3 -23.68 4.46 -11.18
CA HIS A 3 -23.31 3.02 -11.20
C HIS A 3 -21.83 2.80 -11.48
N MSE A 4 -21.01 3.76 -11.08
CA MSE A 4 -19.58 3.66 -11.29
C MSE A 4 -18.93 3.03 -10.06
O MSE A 4 -19.09 3.52 -8.93
CB MSE A 4 -18.97 5.06 -11.56
CG MSE A 4 -19.61 5.81 -12.77
SE MSE A 4 -19.00 7.52 -13.11
CE MSE A 4 -19.96 7.95 -14.58
N ALA A 5 -18.21 1.92 -10.24
CA ALA A 5 -17.42 1.33 -9.17
C ALA A 5 -15.99 1.37 -9.62
N SER A 6 -15.04 1.45 -8.69
CA SER A 6 -13.64 1.20 -9.04
C SER A 6 -12.85 0.60 -7.89
N MSE A 7 -11.78 -0.07 -8.29
CA MSE A 7 -10.88 -0.68 -7.38
C MSE A 7 -10.28 0.43 -6.54
O MSE A 7 -9.99 1.49 -7.07
CB MSE A 7 -9.79 -1.35 -8.18
CG MSE A 7 -8.96 -2.35 -7.38
SE MSE A 7 -9.97 -3.99 -7.09
CE MSE A 7 -11.44 -3.76 -8.38
N ARG A 8 -10.09 0.18 -5.26
CA ARG A 8 -9.36 1.11 -4.42
C ARG A 8 -7.96 0.55 -4.26
N GLU A 9 -6.97 1.27 -4.76
CA GLU A 9 -5.61 0.77 -4.72
C GLU A 9 -4.72 1.71 -3.98
N PHE A 10 -3.81 1.14 -3.21
CA PHE A 10 -2.93 1.95 -2.37
C PHE A 10 -1.49 1.55 -2.60
N ILE A 11 -0.56 2.51 -2.54
CA ILE A 11 0.85 2.17 -2.53
C ILE A 11 1.50 2.83 -1.33
N PHE A 12 2.17 2.03 -0.52
CA PHE A 12 2.82 2.51 0.69
C PHE A 12 4.31 2.28 0.51
N LYS A 13 5.10 3.33 0.65
CA LYS A 13 6.53 3.20 0.54
C LYS A 13 7.11 3.06 1.96
N ALA A 14 7.64 1.86 2.24
CA ALA A 14 8.20 1.51 3.55
C ALA A 14 9.70 1.70 3.49
N ASN A 15 10.13 2.91 3.83
CA ASN A 15 11.51 3.33 3.69
C ASN A 15 12.52 2.42 4.33
N LYS A 16 12.18 1.81 5.46
CA LYS A 16 13.23 1.13 6.22
C LYS A 16 12.88 -0.29 6.56
N THR A 17 11.75 -0.75 6.06
CA THR A 17 11.29 -2.05 6.44
C THR A 17 12.19 -3.14 5.86
N ILE A 18 12.54 -4.09 6.72
CA ILE A 18 13.44 -5.19 6.43
C ILE A 18 13.04 -5.98 5.19
N THR A 19 14.03 -6.42 4.41
CA THR A 19 13.73 -7.13 3.17
C THR A 19 14.26 -8.58 3.11
N SER A 20 14.56 -9.17 4.26
CA SER A 20 14.84 -10.59 4.33
C SER A 20 13.79 -11.26 5.24
N SER A 21 13.73 -12.59 5.26
CA SER A 21 12.70 -13.27 6.05
C SER A 21 13.17 -13.49 7.48
N ASP A 22 14.38 -13.03 7.78
CA ASP A 22 14.99 -13.14 9.08
C ASP A 22 14.31 -12.13 10.04
N ILE A 23 13.05 -12.38 10.37
CA ILE A 23 12.21 -11.41 11.05
C ILE A 23 12.04 -11.73 12.55
N ASN A 24 12.29 -10.70 13.38
CA ASN A 24 12.06 -10.79 14.83
C ASN A 24 10.65 -10.29 15.18
N LEU A 25 9.72 -11.23 15.33
CA LEU A 25 8.35 -10.88 15.63
C LEU A 25 8.20 -10.12 16.92
N LYS A 26 9.20 -10.23 17.78
CA LYS A 26 9.20 -9.55 19.06
C LYS A 26 9.77 -8.13 18.99
N ASP A 27 10.22 -7.70 17.81
CA ASP A 27 10.64 -6.31 17.61
C ASP A 27 10.30 -5.83 16.19
N LEU A 28 9.02 -5.94 15.87
CA LEU A 28 8.49 -5.43 14.62
C LEU A 28 8.88 -3.95 14.37
N PRO A 29 8.83 -3.07 15.39
CA PRO A 29 9.22 -1.67 15.12
C PRO A 29 10.72 -1.38 14.94
N GLY A 30 11.58 -1.94 15.81
CA GLY A 30 13.00 -1.64 15.83
C GLY A 30 13.73 -2.40 14.74
N SER A 31 14.11 -3.65 15.02
CA SER A 31 14.97 -4.44 14.11
C SER A 31 14.34 -4.76 12.77
N CYS A 32 13.02 -4.78 12.70
CA CYS A 32 12.31 -4.94 11.42
C CYS A 32 12.05 -3.65 10.63
N GLY A 33 12.41 -2.50 11.16
CA GLY A 33 12.29 -1.25 10.38
C GLY A 33 10.85 -0.80 10.22
N ARG A 34 10.17 -0.67 11.36
CA ARG A 34 8.76 -0.22 11.39
C ARG A 34 7.86 -1.15 10.62
N LEU A 35 8.12 -2.45 10.68
CA LEU A 35 7.25 -3.46 10.07
C LEU A 35 5.86 -3.43 10.70
N ASP A 36 5.76 -3.02 11.96
CA ASP A 36 4.48 -2.90 12.64
C ASP A 36 3.57 -1.93 11.90
N LEU A 37 4.12 -0.79 11.51
CA LEU A 37 3.34 0.20 10.75
C LEU A 37 2.81 -0.42 9.44
N LEU A 38 3.68 -1.13 8.73
CA LEU A 38 3.27 -1.76 7.48
C LEU A 38 2.14 -2.74 7.77
N CYS A 39 2.28 -3.51 8.85
CA CYS A 39 1.19 -4.46 9.18
C CYS A 39 -0.13 -3.73 9.46
N ARG A 40 -0.08 -2.62 10.20
CA ARG A 40 -1.35 -1.89 10.46
C ARG A 40 -1.94 -1.35 9.16
N CYS A 41 -1.10 -0.88 8.24
CA CYS A 41 -1.59 -0.42 6.95
C CYS A 41 -2.31 -1.52 6.19
N VAL A 42 -1.75 -2.74 6.18
CA VAL A 42 -2.40 -3.88 5.55
C VAL A 42 -3.73 -4.15 6.23
N SER A 43 -3.72 -4.14 7.57
CA SER A 43 -4.92 -4.41 8.33
C SER A 43 -6.01 -3.40 7.98
N ASP A 44 -5.65 -2.12 8.02
CA ASP A 44 -6.63 -1.06 7.81
C ASP A 44 -7.12 -0.99 6.35
N ALA A 45 -6.27 -1.40 5.41
CA ALA A 45 -6.66 -1.39 3.99
C ALA A 45 -7.77 -2.39 3.69
N PHE A 46 -7.79 -3.50 4.42
CA PHE A 46 -8.67 -4.65 4.07
C PHE A 46 -9.82 -4.95 4.99
N PHE A 47 -9.63 -4.79 6.29
CA PHE A 47 -10.59 -5.42 7.21
C PHE A 47 -11.75 -4.54 7.66
N LEU A 48 -12.95 -5.09 7.48
CA LEU A 48 -14.21 -4.59 8.02
C LEU A 48 -14.63 -5.53 9.13
N SER A 49 -15.79 -5.22 9.72
CA SER A 49 -16.37 -5.98 10.84
C SER A 49 -16.50 -7.45 10.57
N HIS A 50 -17.38 -7.80 9.63
CA HIS A 50 -17.60 -9.21 9.32
C HIS A 50 -17.20 -9.45 7.87
N ASP A 51 -16.09 -8.84 7.45
CA ASP A 51 -15.66 -9.02 6.09
C ASP A 51 -14.30 -8.47 5.74
N ILE A 52 -13.85 -8.83 4.54
CA ILE A 52 -12.66 -8.24 3.93
C ILE A 52 -13.09 -7.46 2.67
N ARG A 53 -12.45 -6.31 2.41
CA ARG A 53 -12.84 -5.50 1.28
C ARG A 53 -12.35 -6.14 -0.03
N ARG A 54 -13.25 -6.64 -0.86
CA ARG A 54 -12.87 -7.30 -2.11
C ARG A 54 -12.48 -6.40 -3.27
N ASP A 55 -12.61 -5.09 -3.11
CA ASP A 55 -12.26 -4.17 -4.15
C ASP A 55 -10.97 -3.46 -3.87
N VAL A 56 -10.12 -3.99 -2.99
CA VAL A 56 -8.89 -3.29 -2.66
C VAL A 56 -7.64 -4.04 -3.17
N VAL A 57 -6.63 -3.29 -3.63
CA VAL A 57 -5.35 -3.90 -3.89
C VAL A 57 -4.38 -3.01 -3.14
N PHE A 58 -3.50 -3.62 -2.35
CA PHE A 58 -2.51 -2.81 -1.58
C PHE A 58 -1.09 -3.18 -1.99
N TYR A 59 -0.25 -2.18 -2.30
CA TYR A 59 1.13 -2.49 -2.66
C TYR A 59 2.03 -1.88 -1.62
N ALA A 60 2.99 -2.66 -1.15
CA ALA A 60 3.99 -2.09 -0.26
C ALA A 60 5.36 -2.22 -0.93
N VAL A 61 6.15 -1.14 -0.95
CA VAL A 61 7.50 -1.23 -1.50
C VAL A 61 8.47 -1.02 -0.36
N LEU A 62 9.25 -2.06 -0.05
CA LEU A 62 10.10 -2.05 1.13
C LEU A 62 11.53 -1.74 0.72
N TYR A 63 12.14 -0.78 1.40
CA TYR A 63 13.46 -0.33 1.04
C TYR A 63 14.54 -0.61 2.09
N GLY A 64 14.21 -1.37 3.13
CA GLY A 64 15.21 -1.66 4.15
C GLY A 64 16.19 -2.70 3.65
N GLN A 65 17.30 -2.82 4.36
CA GLN A 65 18.29 -3.85 4.10
C GLN A 65 17.72 -5.27 4.33
N PRO A 66 18.38 -6.31 3.77
CA PRO A 66 19.61 -6.31 2.95
C PRO A 66 19.37 -6.46 1.43
N ASN A 67 18.10 -6.64 1.03
CA ASN A 67 17.77 -6.87 -0.38
C ASN A 67 16.71 -5.96 -1.03
N PRO A 68 16.83 -4.62 -0.88
CA PRO A 68 15.79 -3.75 -1.43
C PRO A 68 16.01 -3.49 -2.94
N PRO A 69 14.94 -3.09 -3.66
CA PRO A 69 13.57 -3.00 -3.16
C PRO A 69 12.84 -4.31 -3.28
N VAL A 70 11.87 -4.53 -2.41
CA VAL A 70 10.96 -5.64 -2.59
C VAL A 70 9.54 -5.08 -2.58
N CYS A 71 8.73 -5.47 -3.56
CA CYS A 71 7.36 -5.02 -3.61
C CYS A 71 6.43 -6.17 -3.28
N ILE A 72 5.51 -5.94 -2.33
CA ILE A 72 4.58 -7.01 -1.95
C ILE A 72 3.21 -6.52 -2.31
N LYS A 73 2.42 -7.34 -3.00
CA LYS A 73 1.16 -6.87 -3.47
C LYS A 73 0.13 -7.77 -2.82
N PHE A 74 -0.91 -7.16 -2.22
CA PHE A 74 -1.99 -7.90 -1.53
C PHE A 74 -3.26 -7.63 -2.27
N VAL A 75 -4.02 -8.69 -2.61
CA VAL A 75 -5.19 -8.52 -3.46
C VAL A 75 -6.38 -8.99 -2.62
N GLY A 76 -7.24 -8.05 -2.27
CA GLY A 76 -8.22 -8.29 -1.24
C GLY A 76 -9.13 -9.42 -1.62
N SER A 77 -9.48 -9.45 -2.91
CA SER A 77 -10.43 -10.46 -3.36
C SER A 77 -9.86 -11.87 -3.27
N GLU A 78 -8.55 -12.00 -3.13
CA GLU A 78 -7.91 -13.32 -3.12
C GLU A 78 -7.34 -13.77 -1.79
N LEU A 79 -7.20 -12.85 -0.84
CA LEU A 79 -6.56 -13.18 0.45
C LEU A 79 -7.33 -14.25 1.19
N LYS A 80 -6.59 -15.24 1.68
CA LYS A 80 -7.10 -16.26 2.59
C LYS A 80 -6.20 -16.35 3.82
N LYS A 81 -6.84 -16.58 4.97
CA LYS A 81 -6.18 -16.90 6.24
C LYS A 81 -5.37 -15.76 6.85
N VAL A 82 -5.61 -14.55 6.38
CA VAL A 82 -5.06 -13.38 7.02
C VAL A 82 -6.10 -12.79 8.00
N SER A 83 -5.66 -12.45 9.21
CA SER A 83 -6.55 -11.78 10.15
C SER A 83 -5.98 -10.42 10.49
N PRO A 84 -6.76 -9.56 11.19
CA PRO A 84 -6.32 -8.17 11.25
C PRO A 84 -5.16 -7.86 12.17
N ASP A 85 -4.73 -8.80 13.02
CA ASP A 85 -3.65 -8.51 13.99
C ASP A 85 -2.23 -8.44 13.39
N GLU A 86 -1.39 -7.56 13.95
CA GLU A 86 -0.05 -7.35 13.44
C GLU A 86 0.79 -8.62 13.36
N ARG A 87 0.66 -9.51 14.35
CA ARG A 87 1.50 -10.68 14.37
C ARG A 87 1.20 -11.57 13.17
N ASN A 88 -0.09 -11.80 12.92
CA ASN A 88 -0.52 -12.64 11.79
C ASN A 88 -0.04 -12.07 10.44
N ILE A 89 -0.25 -10.77 10.25
CA ILE A 89 0.18 -10.12 9.04
C ILE A 89 1.70 -10.18 8.86
N ALA A 90 2.45 -9.93 9.95
CA ALA A 90 3.92 -10.01 9.95
C ALA A 90 4.39 -11.39 9.50
N ILE A 91 3.69 -12.44 9.92
CA ILE A 91 4.08 -13.81 9.53
C ILE A 91 3.82 -14.02 8.03
N PHE A 92 2.71 -13.47 7.53
CA PHE A 92 2.47 -13.50 6.09
C PHE A 92 3.51 -12.73 5.29
N ILE A 93 3.95 -11.60 5.83
CA ILE A 93 4.99 -10.84 5.19
C ILE A 93 6.33 -11.62 5.25
N LYS A 94 6.66 -12.20 6.39
CA LYS A 94 7.80 -13.14 6.47
C LYS A 94 7.78 -14.21 5.37
N LYS A 95 6.65 -14.87 5.22
CA LYS A 95 6.47 -15.85 4.14
C LYS A 95 6.74 -15.24 2.74
N ALA A 96 6.25 -14.03 2.51
CA ALA A 96 6.46 -13.39 1.23
C ALA A 96 7.95 -13.11 1.01
N LEU A 97 8.62 -12.64 2.05
CA LEU A 97 10.02 -12.34 1.91
C LEU A 97 10.83 -13.62 1.70
N LYS A 98 10.37 -14.71 2.31
CA LYS A 98 11.01 -16.02 2.15
C LYS A 98 10.89 -16.49 0.69
N LYS A 99 9.69 -16.35 0.14
CA LYS A 99 9.48 -16.64 -1.28
C LYS A 99 10.45 -15.84 -2.15
N PHE A 100 10.51 -14.53 -1.93
CA PHE A 100 11.44 -13.67 -2.68
C PHE A 100 12.88 -14.17 -2.59
N GLU A 101 13.29 -14.62 -1.39
CA GLU A 101 14.66 -15.14 -1.22
C GLU A 101 14.90 -16.38 -2.05
N GLU A 102 13.87 -17.18 -2.28
CA GLU A 102 14.05 -18.40 -3.07
C GLU A 102 14.12 -18.24 -4.57
N LEU A 103 13.83 -17.04 -5.08
CA LEU A 103 13.74 -16.77 -6.51
C LEU A 103 15.05 -16.19 -7.01
N ASP A 104 15.36 -16.41 -8.28
CA ASP A 104 16.52 -15.74 -8.85
C ASP A 104 16.12 -14.38 -9.39
N GLU A 105 17.08 -13.59 -9.87
CA GLU A 105 16.79 -12.21 -10.23
C GLU A 105 15.84 -12.12 -11.45
N GLU A 106 15.95 -13.08 -12.37
CA GLU A 106 15.06 -13.13 -13.54
C GLU A 106 13.60 -13.41 -13.10
N GLN A 107 13.45 -14.42 -12.27
CA GLN A 107 12.14 -14.78 -11.75
C GLN A 107 11.46 -13.62 -10.99
N ARG A 108 12.27 -12.82 -10.30
CA ARG A 108 11.77 -11.67 -9.53
C ARG A 108 11.23 -10.51 -10.40
N LYS A 109 11.45 -10.58 -11.72
CA LYS A 109 10.91 -9.54 -12.63
C LYS A 109 9.38 -9.58 -12.66
N ASP A 110 8.80 -10.73 -12.33
CA ASP A 110 7.35 -10.97 -12.35
C ASP A 110 6.74 -11.03 -10.93
N TRP A 111 5.42 -10.93 -10.84
CA TRP A 111 4.74 -11.19 -9.58
C TRP A 111 4.82 -12.68 -9.31
N ASN A 112 5.19 -13.03 -8.08
CA ASN A 112 5.25 -14.42 -7.66
C ASN A 112 4.44 -14.61 -6.39
N GLN A 113 3.39 -15.43 -6.47
CA GLN A 113 2.50 -15.67 -5.35
C GLN A 113 3.24 -16.39 -4.23
N SER A 114 3.15 -15.87 -3.00
CA SER A 114 3.65 -16.63 -1.84
C SER A 114 2.52 -17.39 -1.15
N THR A 115 1.43 -16.68 -0.84
CA THR A 115 0.23 -17.27 -0.22
C THR A 115 -0.96 -16.65 -0.95
N PRO A 116 -2.15 -17.27 -0.88
CA PRO A 116 -3.23 -16.69 -1.66
C PRO A 116 -3.43 -15.17 -1.49
N GLY A 117 -3.36 -14.43 -2.59
CA GLY A 117 -3.61 -13.01 -2.59
C GLY A 117 -2.38 -12.19 -2.26
N ILE A 118 -1.26 -12.85 -2.01
CA ILE A 118 0.00 -12.14 -1.68
C ILE A 118 1.10 -12.49 -2.69
N TYR A 119 1.71 -11.46 -3.31
CA TYR A 119 2.64 -11.66 -4.41
C TYR A 119 3.84 -10.81 -4.15
N VAL A 120 5.02 -11.30 -4.56
CA VAL A 120 6.27 -10.51 -4.40
C VAL A 120 6.94 -10.31 -5.75
N ARG A 121 7.67 -9.20 -5.89
CA ARG A 121 8.33 -8.84 -7.16
C ARG A 121 9.43 -7.86 -6.88
N ARG A 122 10.51 -7.92 -7.65
CA ARG A 122 11.54 -6.87 -7.63
C ARG A 122 10.98 -5.65 -8.42
N LEU A 123 10.56 -4.62 -7.68
CA LEU A 123 9.88 -3.48 -8.30
C LEU A 123 10.07 -2.32 -7.37
N GLY A 124 10.55 -1.21 -7.90
CA GLY A 124 10.70 -0.02 -7.09
C GLY A 124 9.46 0.88 -7.15
N PHE A 125 9.48 1.93 -6.32
CA PHE A 125 8.32 2.83 -6.18
C PHE A 125 7.96 3.52 -7.51
N ARG A 126 8.95 4.13 -8.16
CA ARG A 126 8.63 4.85 -9.39
C ARG A 126 8.15 3.90 -10.49
N ASN A 127 8.81 2.77 -10.68
CA ASN A 127 8.42 1.86 -11.74
C ASN A 127 7.05 1.34 -11.49
N LEU A 128 6.71 1.17 -10.20
CA LEU A 128 5.33 0.71 -9.82
C LEU A 128 4.31 1.79 -10.20
N VAL A 129 4.61 3.04 -9.85
CA VAL A 129 3.69 4.11 -10.20
C VAL A 129 3.55 4.23 -11.73
N LEU A 130 4.67 4.20 -12.46
CA LEU A 130 4.61 4.19 -13.93
C LEU A 130 3.71 3.12 -14.49
N GLU A 131 3.87 1.91 -13.98
CA GLU A 131 3.08 0.76 -14.42
C GLU A 131 1.59 1.03 -14.23
N LYS A 132 1.25 1.66 -13.10
CA LYS A 132 -0.16 1.99 -12.83
C LYS A 132 -0.67 3.08 -13.77
N LEU A 133 0.18 4.08 -14.07
CA LEU A 133 -0.20 5.12 -15.02
C LEU A 133 -0.52 4.53 -16.40
N GLU A 134 0.34 3.61 -16.84
CA GLU A 134 0.15 2.98 -18.14
C GLU A 134 -1.10 2.17 -18.22
N GLU A 135 -1.60 1.69 -17.08
CA GLU A 135 -2.85 0.93 -17.02
C GLU A 135 -4.05 1.89 -17.03
N GLY A 136 -3.81 3.18 -16.95
CA GLY A 136 -4.92 4.13 -16.96
C GLY A 136 -5.36 4.64 -15.60
N LYS A 137 -4.57 4.41 -14.56
CA LYS A 137 -4.96 4.84 -13.21
C LYS A 137 -4.69 6.32 -13.05
N ASN A 138 -5.44 6.98 -12.18
CA ASN A 138 -5.07 8.31 -11.71
C ASN A 138 -4.33 8.16 -10.40
N ILE A 139 -3.23 8.90 -10.26
CA ILE A 139 -2.40 8.81 -9.06
C ILE A 139 -2.78 9.96 -8.14
N TYR A 140 -3.15 9.64 -6.92
CA TYR A 140 -3.46 10.64 -5.89
C TYR A 140 -2.47 10.49 -4.73
N TYR A 141 -1.88 11.61 -4.32
CA TYR A 141 -0.87 11.58 -3.29
C TYR A 141 -1.55 12.15 -2.02
N LEU A 142 -1.67 11.31 -1.01
CA LEU A 142 -2.30 11.73 0.25
C LEU A 142 -1.24 12.49 1.01
N HIS A 143 -1.45 13.80 1.15
CA HIS A 143 -0.42 14.68 1.69
C HIS A 143 -1.12 15.82 2.39
N MSE A 144 -0.67 16.14 3.59
CA MSE A 144 -1.47 16.99 4.44
C MSE A 144 -1.76 18.38 3.88
O MSE A 144 -2.79 18.97 4.26
CB MSE A 144 -0.87 17.02 5.82
CG MSE A 144 -1.65 17.84 6.79
SE MSE A 144 -0.30 18.55 7.93
CE MSE A 144 1.06 19.29 6.66
N ASN A 145 -0.93 18.89 2.96
CA ASN A 145 -1.23 20.18 2.33
C ASN A 145 -1.99 20.15 0.99
N GLY A 146 -2.57 19.00 0.64
CA GLY A 146 -3.30 18.87 -0.62
C GLY A 146 -4.72 19.44 -0.62
N GLU A 147 -5.41 19.33 -1.75
CA GLU A 147 -6.80 19.78 -1.79
C GLU A 147 -7.69 18.97 -0.84
N ASP A 148 -8.67 19.62 -0.26
CA ASP A 148 -9.59 18.93 0.64
C ASP A 148 -10.29 17.84 -0.15
N VAL A 149 -10.19 16.61 0.34
CA VAL A 149 -10.69 15.45 -0.41
C VAL A 149 -12.20 15.58 -0.70
N GLU A 150 -12.88 16.30 0.19
CA GLU A 150 -14.32 16.56 0.05
C GLU A 150 -14.68 17.07 -1.33
N ASN A 151 -13.79 17.83 -1.94
CA ASN A 151 -14.09 18.51 -3.21
C ASN A 151 -13.53 17.88 -4.49
N VAL A 152 -12.84 16.75 -4.37
CA VAL A 152 -12.15 16.12 -5.51
C VAL A 152 -12.97 14.95 -5.97
N ASP A 153 -13.19 14.86 -7.28
CA ASP A 153 -13.76 13.67 -7.88
C ASP A 153 -12.62 12.66 -7.91
N ILE A 154 -12.88 11.46 -7.43
CA ILE A 154 -11.86 10.45 -7.44
C ILE A 154 -12.25 9.40 -8.46
N GLU A 155 -11.38 9.12 -9.43
CA GLU A 155 -11.69 8.15 -10.48
C GLU A 155 -10.49 7.25 -10.70
N ASN A 156 -10.73 5.95 -10.87
CA ASN A 156 -9.65 4.99 -11.12
C ASN A 156 -8.40 5.20 -10.27
N PRO A 157 -8.56 5.28 -8.93
CA PRO A 157 -7.47 5.81 -8.10
C PRO A 157 -6.35 4.86 -7.78
N VAL A 158 -5.15 5.42 -7.66
CA VAL A 158 -4.08 4.81 -6.91
C VAL A 158 -3.62 5.84 -5.88
N PHE A 159 -3.79 5.51 -4.59
CA PHE A 159 -3.44 6.42 -3.51
C PHE A 159 -2.04 6.15 -3.01
N ILE A 160 -1.22 7.19 -2.97
CA ILE A 160 0.13 7.10 -2.46
C ILE A 160 0.16 7.59 -1.01
N ILE A 161 0.77 6.79 -0.14
CA ILE A 161 0.86 7.09 1.27
C ILE A 161 2.29 6.90 1.71
N GLY A 162 2.88 7.93 2.29
CA GLY A 162 4.27 7.87 2.74
C GLY A 162 4.33 7.33 4.14
N ASP A 163 5.52 7.12 4.69
CA ASP A 163 5.56 6.63 6.06
C ASP A 163 5.93 7.72 7.07
N HIS A 164 6.46 7.28 8.21
CA HIS A 164 6.88 8.22 9.28
C HIS A 164 7.79 9.33 8.76
N ILE A 165 8.84 8.98 8.02
CA ILE A 165 9.70 10.02 7.42
C ILE A 165 9.16 10.55 6.07
N GLY A 166 8.34 9.74 5.40
CA GLY A 166 7.76 10.15 4.12
C GLY A 166 8.48 9.69 2.86
N ILE A 167 7.79 9.91 1.75
CA ILE A 167 8.18 9.57 0.39
C ILE A 167 9.57 10.12 -0.02
N GLY A 168 9.94 11.27 0.55
CA GLY A 168 11.26 11.86 0.32
C GLY A 168 11.27 12.84 -0.84
N GLU A 169 12.18 13.80 -0.81
CA GLU A 169 12.22 14.85 -1.85
C GLU A 169 12.32 14.24 -3.28
N GLU A 170 13.18 13.22 -3.44
CA GLU A 170 13.38 12.56 -4.74
C GLU A 170 12.04 12.11 -5.36
N ASP A 171 11.29 11.29 -4.62
CA ASP A 171 10.03 10.73 -5.13
C ASP A 171 8.88 11.75 -5.20
N GLU A 172 8.93 12.80 -4.37
CA GLU A 172 7.98 13.92 -4.54
C GLU A 172 8.23 14.61 -5.89
N ARG A 173 9.49 14.92 -6.21
CA ARG A 173 9.84 15.48 -7.53
C ARG A 173 9.16 14.66 -8.62
N PHE A 174 9.22 13.34 -8.48
CA PHE A 174 8.71 12.43 -9.46
C PHE A 174 7.19 12.49 -9.56
N LEU A 175 6.53 12.50 -8.40
CA LEU A 175 5.07 12.63 -8.40
C LEU A 175 4.63 13.97 -9.01
N ASP A 176 5.39 15.03 -8.73
CA ASP A 176 5.13 16.33 -9.33
C ASP A 176 5.22 16.22 -10.85
N GLU A 177 6.33 15.65 -11.33
CA GLU A 177 6.58 15.40 -12.77
C GLU A 177 5.41 14.69 -13.50
N ILE A 178 4.85 13.66 -12.87
CA ILE A 178 3.83 12.89 -13.55
C ILE A 178 2.45 13.44 -13.26
N LYS A 179 2.41 14.57 -12.57
CA LYS A 179 1.17 15.29 -12.22
C LYS A 179 0.23 14.59 -11.25
N ALA A 180 0.81 13.92 -10.25
CA ALA A 180 0.00 13.36 -9.15
C ALA A 180 -0.81 14.47 -8.44
N LYS A 181 -2.09 14.18 -8.21
CA LYS A 181 -2.97 15.11 -7.53
C LYS A 181 -2.89 14.91 -6.00
N ARG A 182 -2.54 15.98 -5.30
CA ARG A 182 -2.40 15.87 -3.86
C ARG A 182 -3.73 16.13 -3.18
N ILE A 183 -4.09 15.26 -2.24
CA ILE A 183 -5.36 15.41 -1.53
C ILE A 183 -5.15 15.33 -0.02
N SER A 184 -5.88 16.17 0.74
CA SER A 184 -5.77 16.17 2.20
C SER A 184 -7.01 15.54 2.81
N LEU A 185 -6.79 14.76 3.88
CA LEU A 185 -7.85 14.05 4.60
C LEU A 185 -8.09 14.65 6.01
N SER A 186 -7.26 15.61 6.43
CA SER A 186 -7.20 15.98 7.84
C SER A 186 -6.27 17.15 7.97
N PRO A 187 -6.59 18.06 8.90
CA PRO A 187 -5.71 19.17 9.27
C PRO A 187 -4.47 18.73 10.04
N LEU A 188 -4.46 17.50 10.55
CA LEU A 188 -3.30 17.00 11.26
C LEU A 188 -2.51 15.97 10.43
N GLU A 189 -1.22 15.87 10.72
CA GLU A 189 -0.39 14.77 10.20
C GLU A 189 -0.69 13.44 10.91
N LEU A 190 -1.26 12.50 10.16
CA LEU A 190 -1.65 11.19 10.70
C LEU A 190 -0.68 10.05 10.37
N HIS A 191 -0.75 8.98 11.15
CA HIS A 191 -0.14 7.73 10.71
C HIS A 191 -0.72 7.27 9.35
N ALA A 192 0.16 6.68 8.54
CA ALA A 192 -0.18 6.22 7.22
C ALA A 192 -1.42 5.35 7.23
N ASN A 193 -1.53 4.46 8.22
CA ASN A 193 -2.68 3.56 8.30
C ASN A 193 -4.01 4.29 8.56
N HIS A 194 -3.97 5.39 9.29
CA HIS A 194 -5.16 6.23 9.51
C HIS A 194 -5.63 6.84 8.20
N CYS A 195 -4.71 7.20 7.31
CA CYS A 195 -5.09 7.73 5.98
C CYS A 195 -5.95 6.81 5.21
N MSE A 196 -5.62 5.52 5.25
CA MSE A 196 -6.38 4.57 4.50
C MSE A 196 -7.77 4.41 5.07
O MSE A 196 -8.73 4.34 4.31
CB MSE A 196 -5.64 3.25 4.39
CG MSE A 196 -4.60 3.39 3.31
SE MSE A 196 -3.24 2.27 3.76
CE MSE A 196 -1.83 3.42 4.42
N THR A 197 -7.87 4.41 6.39
CA THR A 197 -9.17 4.41 7.05
C THR A 197 -10.04 5.62 6.65
N MSE A 198 -9.44 6.84 6.69
CA MSE A 198 -10.15 8.05 6.28
C MSE A 198 -10.55 8.02 4.80
O MSE A 198 -11.65 8.47 4.44
CB MSE A 198 -9.27 9.30 6.46
CG MSE A 198 -9.14 9.91 7.85
SE MSE A 198 -10.55 9.32 9.07
CE MSE A 198 -9.31 8.44 10.25
N MSE A 199 -9.62 7.57 3.97
CA MSE A 199 -9.85 7.47 2.53
C MSE A 199 -10.98 6.48 2.27
O MSE A 199 -11.91 6.80 1.54
CB MSE A 199 -8.58 7.10 1.79
CG MSE A 199 -8.63 7.35 0.28
SE MSE A 199 -9.16 9.23 -0.31
CE MSE A 199 -10.71 8.62 -0.86
N HIS A 200 -10.95 5.32 2.89
CA HIS A 200 -12.09 4.40 2.73
C HIS A 200 -13.41 5.03 3.12
N ASN A 201 -13.40 5.83 4.18
CA ASN A 201 -14.66 6.37 4.69
C ASN A 201 -15.20 7.40 3.69
N VAL A 202 -14.30 8.27 3.18
CA VAL A 202 -14.68 9.20 2.11
C VAL A 202 -15.34 8.47 0.92
N LEU A 203 -14.71 7.38 0.45
CA LEU A 203 -15.26 6.63 -0.68
C LEU A 203 -16.54 5.92 -0.34
N ASP A 204 -16.64 5.38 0.88
CA ASP A 204 -17.88 4.67 1.29
C ASP A 204 -19.08 5.62 1.28
N LYS A 205 -18.83 6.86 1.68
CA LYS A 205 -19.88 7.87 1.79
C LYS A 205 -20.30 8.40 0.42
N LYS A 206 -19.32 8.69 -0.43
CA LYS A 206 -19.61 9.09 -1.83
C LYS A 206 -20.45 8.03 -2.50
N ARG A 207 -20.08 6.76 -2.28
CA ARG A 207 -20.82 5.65 -2.85
C ARG A 207 -22.33 5.81 -2.61
N ILE A 208 -22.67 6.34 -1.42
CA ILE A 208 -24.08 6.55 -0.98
C ILE A 208 -24.80 7.70 -1.73
N CYS A 209 -24.11 8.82 -2.00
CA CYS A 209 -24.73 9.96 -2.72
C CYS A 209 -24.78 9.80 -4.23
N GLU A 210 -23.78 9.08 -4.77
CA GLU A 210 -23.42 9.20 -6.19
C GLU A 210 -23.55 7.92 -7.07
N ILE A 211 -23.30 6.75 -6.49
CA ILE A 211 -23.23 5.51 -7.29
C ILE A 211 -24.55 4.72 -7.35
CG SAM B . 3.83 10.06 9.41
SD SAM B . 2.73 10.72 8.13
C5' SAM B . 2.48 9.23 7.12
C4' SAM B . 1.87 9.45 5.74
O4' SAM B . 0.45 9.54 5.82
C3' SAM B . 2.34 10.73 5.02
O3' SAM B . 3.54 10.62 4.28
C2' SAM B . 1.15 11.08 4.15
O2' SAM B . 1.25 10.41 2.90
C1' SAM B . -0.05 10.55 4.93
N9 SAM B . -0.73 11.62 5.69
C8 SAM B . -0.46 12.02 6.98
N7 SAM B . -1.32 13.01 7.32
C5 SAM B . -2.14 13.28 6.28
C6 SAM B . -3.18 14.18 6.08
N6 SAM B . -3.51 15.01 7.06
N1 SAM B . -3.87 14.22 4.88
C2 SAM B . -3.51 13.37 3.88
N3 SAM B . -2.47 12.47 4.07
C4 SAM B . -1.79 12.42 5.24
MG MG C . -16.13 2.27 -5.15
MG MG D . 0.41 -4.62 -11.35
#